data_7BPG
#
_entry.id   7BPG
#
_cell.length_a   40.363
_cell.length_b   46.918
_cell.length_c   47.540
_cell.angle_alpha   90.00
_cell.angle_beta   114.54
_cell.angle_gamma   90.00
#
_symmetry.space_group_name_H-M   'P 1 21 1'
#
loop_
_entity.id
_entity.type
_entity.pdbx_description
1 polymer "RNA (5'-R(*GP*CP*UP*GP*CP*(5BU)P*GP*C)-3')"
2 polymer 'SNA (S-(F7R)(F7X)(F7O)(F7R)(F7X)(F7O)(F7R)(F7U)-R)'
3 non-polymer 'CALCIUM ION'
4 water water
#
loop_
_entity_poly.entity_id
_entity_poly.type
_entity_poly.pdbx_seq_one_letter_code
_entity_poly.pdbx_strand_id
1 'polyribonucleotide' GCUGC(5BU)GC A,C,E,G
2 'polydeoxyribonucleotide' (F7R)(F7X)(F7O)(F7R)(F7X)(F7O)(F7R)(F7U) B,D,F,H
#